data_3HSR
#
_entry.id   3HSR
#
_cell.length_a   38.240
_cell.length_b   62.840
_cell.length_c   67.200
_cell.angle_alpha   64.40
_cell.angle_beta   75.81
_cell.angle_gamma   82.58
#
_symmetry.space_group_name_H-M   'P 1'
#
loop_
_entity.id
_entity.type
_entity.pdbx_description
1 polymer 'HTH-type transcriptional regulator sarZ'
2 non-polymer benzenethiol
3 non-polymer 'ACETATE ION'
4 non-polymer GLYCEROL
5 water water
#
_entity_poly.entity_id   1
_entity_poly.type   'polypeptide(L)'
_entity_poly.pdbx_seq_one_letter_code
;GSHMYLSKQLCFLFYVSSKEIIKKYTNYLKEYDLTYTGYIVLMAIENDEKLNIKKLGERVFLDSGTLTPLLKKLEKKDYV
VRTREEKDERNLQISLTEQGKAIKSPLAEISVKVFNEFNISEREASDIINNLRNFVSKNF
;
_entity_poly.pdbx_strand_id   A,B,C,D
#
loop_
_chem_comp.id
_chem_comp.type
_chem_comp.name
_chem_comp.formula
ACT non-polymer 'ACETATE ION' 'C2 H3 O2 -1'
BT6 non-polymer benzenethiol 'C6 H6 S'
GOL non-polymer GLYCEROL 'C3 H8 O3'
#
# COMPACT_ATOMS: atom_id res chain seq x y z
N MET A 4 -13.11 10.93 12.12
CA MET A 4 -11.84 10.48 12.66
C MET A 4 -10.94 9.89 11.57
N TYR A 5 -11.52 9.01 10.76
CA TYR A 5 -10.79 8.41 9.64
C TYR A 5 -10.43 9.44 8.60
N LEU A 6 -11.41 10.26 8.22
CA LEU A 6 -11.20 11.31 7.24
C LEU A 6 -9.89 12.06 7.50
N SER A 7 -9.75 12.56 8.72
CA SER A 7 -8.67 13.48 9.04
C SER A 7 -7.35 12.71 9.17
N LYS A 8 -7.45 11.45 9.58
CA LYS A 8 -6.28 10.56 9.64
C LYS A 8 -5.76 10.28 8.22
N GLN A 9 -6.64 9.90 7.29
CA GLN A 9 -6.20 9.57 5.94
C GLN A 9 -5.67 10.78 5.21
N LEU A 10 -6.29 11.93 5.44
CA LEU A 10 -5.89 13.16 4.82
C LEU A 10 -4.55 13.67 5.40
N CYS A 11 -4.37 13.54 6.71
CA CYS A 11 -3.08 13.88 7.32
C CYS A 11 -1.98 13.07 6.61
N PHE A 12 -2.13 11.75 6.63
CA PHE A 12 -1.07 10.87 6.18
C PHE A 12 -0.82 10.92 4.64
N LEU A 13 -1.89 10.82 3.87
CA LEU A 13 -1.74 10.86 2.42
C LEU A 13 -1.06 12.13 1.92
N PHE A 14 -1.22 13.24 2.66
CA PHE A 14 -0.57 14.48 2.30
C PHE A 14 0.87 14.49 2.69
N TYR A 15 1.13 13.93 3.85
CA TYR A 15 2.48 13.78 4.34
C TYR A 15 3.28 12.99 3.30
N VAL A 16 2.69 11.91 2.80
CA VAL A 16 3.41 10.98 1.93
C VAL A 16 3.68 11.62 0.57
N SER A 17 2.65 12.27 0.01
CA SER A 17 2.78 13.01 -1.26
C SER A 17 3.94 14.04 -1.25
N SER A 18 4.00 14.86 -0.20
CA SER A 18 4.98 15.94 -0.08
C SER A 18 6.36 15.35 0.19
N LYS A 19 6.37 14.26 0.94
CA LYS A 19 7.60 13.58 1.25
C LYS A 19 8.22 13.15 -0.08
N GLU A 20 7.37 12.71 -1.03
CA GLU A 20 7.80 12.07 -2.28
C GLU A 20 8.11 13.03 -3.42
N ILE A 21 7.34 14.11 -3.51
CA ILE A 21 7.70 15.24 -4.38
C ILE A 21 9.07 15.82 -4.00
N ILE A 22 9.30 16.08 -2.73
CA ILE A 22 10.55 16.69 -2.29
C ILE A 22 11.76 15.77 -2.50
N LYS A 23 11.59 14.49 -2.20
CA LYS A 23 12.65 13.56 -2.44
C LYS A 23 13.07 13.77 -3.90
N LYS A 24 12.10 13.92 -4.80
CA LYS A 24 12.38 13.98 -6.23
C LYS A 24 13.00 15.31 -6.67
N TYR A 25 12.50 16.42 -6.13
CA TYR A 25 13.14 17.70 -6.38
C TYR A 25 14.55 17.80 -5.81
N THR A 26 14.81 17.09 -4.72
CA THR A 26 16.13 17.09 -4.10
C THR A 26 17.15 16.40 -5.00
N ASN A 27 16.77 15.24 -5.51
CA ASN A 27 17.58 14.56 -6.49
C ASN A 27 18.04 15.53 -7.59
N TYR A 28 17.08 16.15 -8.26
CA TYR A 28 17.34 16.99 -9.44
C TYR A 28 18.01 18.31 -9.08
N LEU A 29 17.61 18.87 -7.96
CA LEU A 29 18.15 20.15 -7.54
C LEU A 29 19.62 20.13 -7.08
N LYS A 30 20.16 18.97 -6.73
CA LYS A 30 21.56 18.93 -6.26
C LYS A 30 22.50 19.52 -7.28
N GLU A 31 22.22 19.26 -8.55
CA GLU A 31 23.04 19.74 -9.64
C GLU A 31 23.15 21.29 -9.66
N TYR A 32 22.17 21.96 -9.06
CA TYR A 32 22.05 23.44 -9.05
C TYR A 32 22.37 23.99 -7.65
N ASP A 33 22.64 23.09 -6.71
CA ASP A 33 22.87 23.49 -5.31
CA ASP A 33 22.83 23.42 -5.29
C ASP A 33 21.69 24.29 -4.76
N LEU A 34 20.46 23.90 -5.08
CA LEU A 34 19.26 24.65 -4.70
C LEU A 34 18.44 23.85 -3.71
N THR A 35 17.87 24.51 -2.69
CA THR A 35 16.85 23.85 -1.89
C THR A 35 15.54 23.95 -2.66
N TYR A 36 14.57 23.15 -2.27
CA TYR A 36 13.26 23.20 -2.85
C TYR A 36 12.62 24.59 -2.72
N THR A 37 12.74 25.23 -1.56
CA THR A 37 12.07 26.52 -1.44
C THR A 37 12.74 27.51 -2.34
N GLY A 38 14.05 27.38 -2.49
CA GLY A 38 14.80 28.30 -3.33
C GLY A 38 14.38 28.16 -4.78
N TYR A 39 14.12 26.92 -5.18
CA TYR A 39 13.64 26.61 -6.55
C TYR A 39 12.28 27.27 -6.78
N ILE A 40 11.34 27.09 -5.84
CA ILE A 40 10.03 27.79 -5.94
C ILE A 40 10.22 29.28 -6.18
N VAL A 41 11.13 29.90 -5.43
CA VAL A 41 11.36 31.34 -5.50
C VAL A 41 11.87 31.77 -6.86
N LEU A 42 12.88 31.08 -7.37
CA LEU A 42 13.34 31.37 -8.73
C LEU A 42 12.26 31.18 -9.77
N MET A 43 11.44 30.13 -9.64
CA MET A 43 10.37 29.84 -10.61
CA MET A 43 10.42 29.89 -10.65
C MET A 43 9.35 30.99 -10.64
N ALA A 44 9.27 31.72 -9.53
CA ALA A 44 8.26 32.77 -9.34
C ALA A 44 8.69 34.12 -9.92
N ILE A 45 9.97 34.25 -10.27
CA ILE A 45 10.47 35.49 -10.84
C ILE A 45 10.61 35.35 -12.35
N GLU A 46 9.77 36.03 -13.12
CA GLU A 46 9.87 35.98 -14.59
C GLU A 46 11.23 36.46 -15.11
N ASN A 47 11.59 36.01 -16.32
CA ASN A 47 12.96 36.12 -16.80
C ASN A 47 13.45 37.52 -16.72
N ASP A 48 12.70 38.49 -17.22
N ASP A 48 12.57 38.41 -17.19
CA ASP A 48 13.26 39.84 -17.24
CA ASP A 48 12.86 39.80 -17.45
C ASP A 48 12.71 40.76 -16.14
C ASP A 48 12.34 40.74 -16.38
N GLU A 49 11.95 40.17 -15.24
CA GLU A 49 11.22 40.92 -14.19
C GLU A 49 12.10 41.54 -13.09
N LYS A 50 11.72 42.74 -12.62
CA LYS A 50 12.24 43.22 -11.33
C LYS A 50 11.04 43.47 -10.43
N LEU A 51 11.00 42.80 -9.28
N LEU A 51 11.07 42.89 -9.24
CA LEU A 51 9.85 42.83 -8.38
CA LEU A 51 9.90 42.77 -8.38
C LEU A 51 10.35 43.40 -7.07
C LEU A 51 10.26 43.13 -6.95
N ASN A 52 9.45 43.93 -6.27
CA ASN A 52 9.80 44.23 -4.89
C ASN A 52 9.60 43.02 -3.98
N ILE A 53 10.44 42.90 -2.96
CA ILE A 53 10.45 41.68 -2.17
C ILE A 53 9.09 41.41 -1.53
N LYS A 54 8.35 42.47 -1.21
CA LYS A 54 7.00 42.28 -0.67
C LYS A 54 6.09 41.54 -1.67
N LYS A 55 6.08 41.98 -2.92
CA LYS A 55 5.26 41.27 -3.92
C LYS A 55 5.69 39.82 -4.14
N LEU A 56 7.00 39.59 -4.15
CA LEU A 56 7.53 38.24 -4.35
C LEU A 56 7.05 37.35 -3.19
N GLY A 57 7.23 37.86 -1.98
CA GLY A 57 6.67 37.23 -0.79
C GLY A 57 5.21 36.86 -0.96
N GLU A 58 4.42 37.75 -1.53
CA GLU A 58 3.01 37.46 -1.79
CA GLU A 58 3.02 37.43 -1.75
C GLU A 58 2.87 36.28 -2.77
N ARG A 59 3.68 36.27 -3.83
CA ARG A 59 3.55 35.21 -4.85
C ARG A 59 3.81 33.84 -4.33
N VAL A 60 4.71 33.75 -3.35
CA VAL A 60 5.16 32.46 -2.86
C VAL A 60 4.74 32.20 -1.41
N PHE A 61 3.89 33.07 -0.87
CA PHE A 61 3.33 32.86 0.46
C PHE A 61 4.38 32.80 1.56
N LEU A 62 5.41 33.64 1.49
CA LEU A 62 6.46 33.64 2.49
C LEU A 62 6.57 35.03 3.09
N ASP A 63 6.75 35.13 4.41
CA ASP A 63 7.09 36.40 5.02
C ASP A 63 8.59 36.70 4.93
N SER A 64 8.98 37.93 5.30
CA SER A 64 10.36 38.37 5.11
C SER A 64 11.32 37.59 5.99
N GLY A 65 10.81 37.06 7.09
CA GLY A 65 11.60 36.28 8.01
C GLY A 65 12.22 35.08 7.33
N THR A 66 11.49 34.49 6.38
CA THR A 66 11.97 33.32 5.64
C THR A 66 12.55 33.75 4.32
N LEU A 67 11.88 34.68 3.64
CA LEU A 67 12.30 35.05 2.29
C LEU A 67 13.66 35.78 2.21
N THR A 68 13.94 36.66 3.14
CA THR A 68 15.16 37.47 3.04
C THR A 68 16.45 36.64 3.09
N PRO A 69 16.61 35.75 4.09
CA PRO A 69 17.82 34.92 4.14
C PRO A 69 17.94 34.05 2.88
N LEU A 70 16.80 33.67 2.36
CA LEU A 70 16.73 32.82 1.18
C LEU A 70 17.26 33.61 -0.02
N LEU A 71 16.85 34.88 -0.12
CA LEU A 71 17.31 35.72 -1.22
C LEU A 71 18.80 35.97 -1.11
N LYS A 72 19.30 36.20 0.11
CA LYS A 72 20.75 36.39 0.29
C LYS A 72 21.52 35.16 -0.27
N LYS A 73 21.01 33.96 0.03
CA LYS A 73 21.67 32.70 -0.38
C LYS A 73 21.66 32.53 -1.88
N LEU A 74 20.48 32.73 -2.47
CA LEU A 74 20.30 32.76 -3.92
C LEU A 74 21.20 33.82 -4.58
N GLU A 75 21.41 34.95 -3.93
CA GLU A 75 22.35 35.93 -4.45
C GLU A 75 23.81 35.43 -4.42
N LYS A 76 24.15 34.72 -3.34
CA LYS A 76 25.50 34.18 -3.17
C LYS A 76 25.74 33.15 -4.29
N LYS A 77 24.69 32.42 -4.62
CA LYS A 77 24.77 31.45 -5.71
C LYS A 77 24.68 32.07 -7.11
N ASP A 78 24.68 33.39 -7.20
N ASP A 78 24.73 33.39 -7.17
CA ASP A 78 24.74 34.04 -8.50
CA ASP A 78 24.66 34.17 -8.41
C ASP A 78 23.45 33.84 -9.31
C ASP A 78 23.44 33.92 -9.28
N TYR A 79 22.31 33.65 -8.61
CA TYR A 79 21.02 33.47 -9.31
C TYR A 79 20.11 34.69 -9.27
N VAL A 80 20.23 35.51 -8.23
CA VAL A 80 19.42 36.74 -8.14
C VAL A 80 20.30 37.91 -7.81
N VAL A 81 19.82 39.09 -8.18
CA VAL A 81 20.47 40.30 -7.77
C VAL A 81 19.47 41.07 -6.86
N ARG A 82 19.96 41.61 -5.74
N ARG A 82 19.96 41.58 -5.73
CA ARG A 82 19.15 42.41 -4.82
CA ARG A 82 19.16 42.41 -4.79
C ARG A 82 19.52 43.88 -4.94
C ARG A 82 19.52 43.88 -4.97
N THR A 83 18.54 44.74 -5.17
CA THR A 83 18.80 46.19 -5.36
C THR A 83 17.94 47.11 -4.49
N ARG A 84 18.56 48.20 -4.02
CA ARG A 84 18.01 49.09 -2.99
C ARG A 84 16.63 49.69 -3.33
N LEU A 92 13.50 47.25 -1.23
CA LEU A 92 14.35 46.21 -1.82
C LEU A 92 13.76 45.51 -3.07
N GLN A 93 14.49 45.57 -4.18
CA GLN A 93 14.06 44.98 -5.45
C GLN A 93 14.85 43.72 -5.79
N ILE A 94 14.18 42.72 -6.39
CA ILE A 94 14.80 41.46 -6.75
C ILE A 94 14.64 41.20 -8.25
N SER A 95 15.70 40.71 -8.86
CA SER A 95 15.62 40.29 -10.25
C SER A 95 16.58 39.11 -10.46
N LEU A 96 16.43 38.39 -11.56
CA LEU A 96 17.33 37.26 -11.89
C LEU A 96 18.66 37.83 -12.38
N THR A 97 19.78 37.18 -12.05
CA THR A 97 21.08 37.50 -12.74
C THR A 97 21.00 36.93 -14.18
N GLU A 98 22.02 37.18 -14.99
CA GLU A 98 22.04 36.56 -16.33
C GLU A 98 22.13 35.03 -16.19
N GLN A 99 22.84 34.59 -15.15
CA GLN A 99 23.02 33.13 -14.93
C GLN A 99 21.72 32.49 -14.47
N GLY A 100 20.99 33.24 -13.65
CA GLY A 100 19.66 32.79 -13.24
C GLY A 100 18.69 32.73 -14.41
N LYS A 101 18.76 33.67 -15.35
CA LYS A 101 17.92 33.57 -16.54
C LYS A 101 18.35 32.36 -17.40
N ALA A 102 19.66 32.08 -17.42
CA ALA A 102 20.17 30.99 -18.26
C ALA A 102 19.66 29.61 -17.81
N ILE A 103 19.32 29.47 -16.54
CA ILE A 103 18.76 28.21 -16.01
C ILE A 103 17.25 28.13 -15.82
N LYS A 104 16.53 29.19 -16.19
CA LYS A 104 15.08 29.16 -16.01
C LYS A 104 14.43 28.01 -16.81
N SER A 105 14.91 27.82 -18.04
N SER A 105 14.88 27.80 -18.05
CA SER A 105 14.43 26.75 -18.88
CA SER A 105 14.34 26.69 -18.84
C SER A 105 14.68 25.35 -18.29
C SER A 105 14.64 25.32 -18.20
N PRO A 106 15.94 24.99 -18.01
CA PRO A 106 16.24 23.69 -17.38
C PRO A 106 15.54 23.55 -16.01
N LEU A 107 15.49 24.62 -15.22
CA LEU A 107 14.69 24.53 -14.00
C LEU A 107 13.26 24.17 -14.23
N ALA A 108 12.57 24.83 -15.16
CA ALA A 108 11.18 24.45 -15.41
C ALA A 108 11.10 22.96 -15.79
N GLU A 109 12.08 22.48 -16.55
CA GLU A 109 12.01 21.11 -17.07
C GLU A 109 12.10 20.09 -15.95
N ILE A 110 12.74 20.49 -14.84
CA ILE A 110 12.75 19.64 -13.65
C ILE A 110 11.35 19.25 -13.18
N SER A 111 10.44 20.21 -13.02
CA SER A 111 9.08 19.92 -12.60
CA SER A 111 9.10 19.88 -12.56
CA SER A 111 9.11 19.87 -12.55
C SER A 111 8.47 18.78 -13.41
N VAL A 112 8.67 18.84 -14.73
CA VAL A 112 8.19 17.81 -15.65
C VAL A 112 8.86 16.43 -15.40
N LYS A 113 10.18 16.41 -15.27
CA LYS A 113 10.89 15.20 -14.82
C LYS A 113 10.27 14.64 -13.55
N VAL A 114 10.08 15.48 -12.54
CA VAL A 114 9.56 15.05 -11.24
C VAL A 114 8.15 14.42 -11.22
N PHE A 115 7.16 15.19 -11.62
CA PHE A 115 5.77 14.70 -11.57
C PHE A 115 5.55 13.57 -12.60
N ASN A 116 6.42 13.56 -13.61
CA ASN A 116 6.50 12.53 -14.60
C ASN A 116 6.82 11.15 -13.92
N GLU A 117 7.76 11.16 -12.99
CA GLU A 117 8.17 9.91 -12.34
C GLU A 117 7.00 9.24 -11.64
N PHE A 118 5.92 10.01 -11.49
CA PHE A 118 4.69 9.43 -11.00
C PHE A 118 4.00 8.75 -12.20
N ASN A 119 3.17 7.76 -11.95
CA ASN A 119 2.37 7.25 -13.04
C ASN A 119 1.08 8.01 -12.86
N ILE A 120 0.92 9.10 -13.59
CA ILE A 120 -0.23 9.93 -13.39
C ILE A 120 -0.72 10.47 -14.74
N SER A 121 -2.01 10.33 -15.04
CA SER A 121 -2.53 10.85 -16.33
C SER A 121 -2.80 12.36 -16.31
N GLU A 122 -3.12 12.92 -17.47
CA GLU A 122 -3.54 14.33 -17.53
C GLU A 122 -4.81 14.54 -16.70
N ARG A 123 -5.78 13.65 -16.85
CA ARG A 123 -7.02 13.75 -16.08
C ARG A 123 -6.78 13.58 -14.56
N GLU A 124 -5.89 12.66 -14.18
CA GLU A 124 -5.57 12.45 -12.76
C GLU A 124 -4.86 13.70 -12.19
N ALA A 125 -3.92 14.25 -12.95
CA ALA A 125 -3.26 15.45 -12.50
C ALA A 125 -4.26 16.63 -12.38
N SER A 126 -5.18 16.73 -13.34
CA SER A 126 -6.15 17.88 -13.36
C SER A 126 -7.04 17.80 -12.15
N ASP A 127 -7.47 16.59 -11.79
CA ASP A 127 -8.33 16.41 -10.61
C ASP A 127 -7.60 16.83 -9.35
N ILE A 128 -6.32 16.43 -9.23
CA ILE A 128 -5.56 16.80 -8.06
C ILE A 128 -5.38 18.30 -7.99
N ILE A 129 -5.03 18.91 -9.12
CA ILE A 129 -4.93 20.36 -9.24
C ILE A 129 -6.21 21.07 -8.83
N ASN A 130 -7.35 20.64 -9.36
CA ASN A 130 -8.60 21.30 -8.96
C ASN A 130 -8.86 21.16 -7.44
N ASN A 131 -8.58 19.98 -6.86
CA ASN A 131 -8.73 19.77 -5.40
C ASN A 131 -7.91 20.76 -4.60
N LEU A 132 -6.62 20.86 -4.97
CA LEU A 132 -5.66 21.64 -4.21
C LEU A 132 -5.82 23.12 -4.46
N ARG A 133 -6.19 23.49 -5.68
CA ARG A 133 -6.39 24.90 -5.97
C ARG A 133 -7.59 25.39 -5.17
N ASN A 134 -8.63 24.57 -5.11
CA ASN A 134 -9.83 24.88 -4.32
C ASN A 134 -9.39 25.07 -2.85
N PHE A 135 -8.74 24.05 -2.29
CA PHE A 135 -8.24 24.16 -0.92
C PHE A 135 -7.41 25.43 -0.72
N VAL A 136 -6.50 25.74 -1.64
CA VAL A 136 -5.64 26.93 -1.48
C VAL A 136 -6.41 28.26 -1.54
N SER A 137 -7.33 28.39 -2.48
N SER A 137 -7.35 28.37 -2.46
CA SER A 137 -8.13 29.60 -2.59
CA SER A 137 -8.13 29.59 -2.62
C SER A 137 -9.01 29.82 -1.35
C SER A 137 -9.21 29.78 -1.53
N LYS A 138 -9.52 28.73 -0.77
CA LYS A 138 -10.46 28.87 0.35
C LYS A 138 -9.74 29.15 1.67
N ASN A 139 -8.41 29.18 1.63
CA ASN A 139 -7.66 29.05 2.89
C ASN A 139 -6.51 30.01 3.13
N PHE A 140 -5.80 30.41 2.09
CA PHE A 140 -4.56 31.18 2.25
C PHE A 140 -4.72 32.44 1.44
N GLY B 1 3.57 21.92 -23.38
CA GLY B 1 2.36 21.07 -23.39
C GLY B 1 1.96 20.63 -22.00
N SER B 2 1.07 19.66 -21.89
CA SER B 2 0.43 19.36 -20.60
C SER B 2 1.42 18.89 -19.53
N HIS B 3 2.44 18.14 -19.93
CA HIS B 3 3.45 17.74 -18.96
C HIS B 3 4.09 18.95 -18.29
N MET B 4 4.20 20.09 -18.97
CA MET B 4 4.78 21.24 -18.32
CA MET B 4 4.80 21.27 -18.37
C MET B 4 3.78 22.05 -17.52
N TYR B 5 2.60 22.30 -18.08
CA TYR B 5 1.67 23.17 -17.36
C TYR B 5 1.02 22.48 -16.19
N LEU B 6 0.71 21.21 -16.31
CA LEU B 6 0.17 20.50 -15.19
C LEU B 6 1.20 20.31 -14.08
N SER B 7 2.48 20.07 -14.44
CA SER B 7 3.47 19.76 -13.40
CA SER B 7 3.45 19.75 -13.40
CA SER B 7 3.51 19.78 -13.44
C SER B 7 3.81 21.00 -12.61
N LYS B 8 3.83 22.15 -13.27
CA LYS B 8 4.07 23.41 -12.64
C LYS B 8 3.00 23.70 -11.57
N GLN B 9 1.73 23.44 -11.93
CA GLN B 9 0.58 23.64 -11.03
C GLN B 9 0.68 22.63 -9.88
N LEU B 10 0.91 21.36 -10.23
CA LEU B 10 1.13 20.37 -9.17
C LEU B 10 2.21 20.84 -8.20
N CYS B 11 3.35 21.28 -8.73
CA CYS B 11 4.48 21.67 -7.89
C CYS B 11 4.11 22.82 -6.91
N PHE B 12 3.61 23.91 -7.47
CA PHE B 12 3.26 25.09 -6.66
C PHE B 12 2.20 24.79 -5.62
N LEU B 13 1.18 24.06 -6.04
CA LEU B 13 0.05 23.81 -5.16
C LEU B 13 0.38 22.83 -4.02
N PHE B 14 1.19 21.81 -4.32
CA PHE B 14 1.71 20.96 -3.22
C PHE B 14 2.64 21.77 -2.33
N TYR B 15 3.39 22.70 -2.89
CA TYR B 15 4.32 23.47 -2.07
C TYR B 15 3.53 24.34 -1.02
N VAL B 16 2.51 25.04 -1.50
CA VAL B 16 1.72 25.92 -0.61
C VAL B 16 0.94 25.13 0.42
N SER B 17 0.22 24.11 -0.06
CA SER B 17 -0.61 23.28 0.82
CA SER B 17 -0.60 23.25 0.80
C SER B 17 0.22 22.56 1.90
N SER B 18 1.30 21.86 1.52
CA SER B 18 2.17 21.17 2.47
CA SER B 18 2.14 21.16 2.48
C SER B 18 2.75 22.11 3.52
N LYS B 19 3.35 23.20 3.03
CA LYS B 19 3.90 24.26 3.86
C LYS B 19 2.91 24.64 4.98
N GLU B 20 1.66 24.87 4.57
CA GLU B 20 0.66 25.48 5.44
C GLU B 20 0.01 24.45 6.39
N ILE B 21 -0.21 23.25 5.89
CA ILE B 21 -0.66 22.17 6.75
C ILE B 21 0.37 21.87 7.85
N ILE B 22 1.63 21.69 7.48
CA ILE B 22 2.68 21.45 8.47
C ILE B 22 2.75 22.58 9.51
N LYS B 23 2.54 23.83 9.08
CA LYS B 23 2.57 24.96 9.98
C LYS B 23 1.53 24.77 11.10
N LYS B 24 0.32 24.34 10.73
CA LYS B 24 -0.71 24.17 11.74
C LYS B 24 -0.41 23.03 12.71
N TYR B 25 0.24 21.97 12.23
CA TYR B 25 0.60 20.88 13.14
C TYR B 25 1.65 21.39 14.10
N THR B 26 2.65 22.04 13.53
CA THR B 26 3.80 22.49 14.29
C THR B 26 3.33 23.39 15.41
N ASN B 27 2.32 24.20 15.13
N ASN B 27 2.29 24.19 15.16
CA ASN B 27 1.75 25.05 16.16
CA ASN B 27 1.71 25.06 16.18
C ASN B 27 1.27 24.23 17.36
C ASN B 27 1.18 24.28 17.38
N TYR B 28 0.41 23.24 17.11
CA TYR B 28 -0.05 22.36 18.16
C TYR B 28 1.08 21.57 18.81
N LEU B 29 2.05 21.15 18.00
CA LEU B 29 3.06 20.22 18.49
C LEU B 29 4.07 20.88 19.44
N LYS B 30 4.29 22.19 19.33
CA LYS B 30 5.20 22.92 20.21
C LYS B 30 4.88 22.57 21.66
N GLU B 31 3.62 22.62 22.04
CA GLU B 31 3.25 22.39 23.40
C GLU B 31 3.83 21.07 23.88
N TYR B 32 4.11 20.15 22.95
CA TYR B 32 4.65 18.83 23.30
C TYR B 32 6.15 18.68 23.00
N ASP B 33 6.79 19.76 22.54
CA ASP B 33 8.18 19.65 22.13
C ASP B 33 8.41 18.54 21.10
N LEU B 34 7.49 18.37 20.16
CA LEU B 34 7.70 17.42 19.09
C LEU B 34 7.78 18.14 17.76
N THR B 35 8.64 17.66 16.85
CA THR B 35 8.60 18.10 15.45
C THR B 35 7.51 17.35 14.75
N TYR B 36 7.11 17.87 13.60
CA TYR B 36 6.09 17.22 12.77
C TYR B 36 6.49 15.78 12.37
N THR B 37 7.72 15.61 11.91
CA THR B 37 8.17 14.28 11.48
C THR B 37 8.21 13.34 12.71
N GLY B 38 8.55 13.89 13.87
CA GLY B 38 8.58 13.10 15.08
C GLY B 38 7.19 12.60 15.41
N TYR B 39 6.22 13.51 15.31
CA TYR B 39 4.81 13.17 15.50
C TYR B 39 4.37 12.01 14.55
N ILE B 40 4.76 12.12 13.28
CA ILE B 40 4.39 11.13 12.29
C ILE B 40 4.94 9.78 12.69
N VAL B 41 6.20 9.74 13.12
CA VAL B 41 6.80 8.47 13.52
C VAL B 41 6.03 7.87 14.70
N LEU B 42 5.71 8.68 15.72
CA LEU B 42 5.02 8.15 16.89
C LEU B 42 3.69 7.62 16.48
N MET B 43 3.00 8.38 15.62
CA MET B 43 1.63 7.99 15.29
C MET B 43 1.61 6.70 14.46
N ALA B 44 2.71 6.45 13.76
CA ALA B 44 2.78 5.29 12.87
C ALA B 44 3.12 3.97 13.60
N ILE B 45 3.77 4.06 14.76
CA ILE B 45 4.08 2.87 15.56
C ILE B 45 2.88 2.49 16.40
N GLU B 46 2.38 1.26 16.27
CA GLU B 46 1.21 0.86 17.03
C GLU B 46 1.64 0.37 18.41
N ASN B 47 0.73 0.38 19.37
CA ASN B 47 1.10 0.13 20.77
C ASN B 47 1.58 -1.29 21.06
N ASP B 48 1.09 -2.25 20.28
CA ASP B 48 1.40 -3.65 20.51
C ASP B 48 2.58 -4.06 19.63
N GLU B 49 3.26 -3.08 19.06
CA GLU B 49 4.13 -3.34 17.93
C GLU B 49 5.63 -3.23 18.25
N LYS B 50 6.42 -4.10 17.63
CA LYS B 50 7.88 -4.00 17.67
C LYS B 50 8.36 -4.04 16.21
N LEU B 51 9.10 -3.01 15.79
N LEU B 51 9.08 -3.03 15.75
CA LEU B 51 9.44 -2.80 14.39
CA LEU B 51 9.35 -2.92 14.31
C LEU B 51 10.92 -2.71 14.18
C LEU B 51 10.81 -2.57 14.07
N ASN B 52 11.43 -3.16 13.05
CA ASN B 52 12.81 -2.79 12.76
C ASN B 52 12.83 -1.50 11.99
N ILE B 53 13.96 -0.80 12.03
CA ILE B 53 14.01 0.55 11.52
CA ILE B 53 14.02 0.55 11.51
C ILE B 53 13.77 0.60 10.01
N LYS B 54 14.18 -0.47 9.29
CA LYS B 54 13.95 -0.49 7.85
C LYS B 54 12.47 -0.49 7.53
N LYS B 55 11.73 -1.42 8.15
CA LYS B 55 10.28 -1.52 7.91
CA LYS B 55 10.30 -1.51 7.88
C LYS B 55 9.57 -0.24 8.33
N LEU B 56 10.02 0.35 9.44
CA LEU B 56 9.44 1.61 9.89
C LEU B 56 9.67 2.72 8.86
N GLY B 57 10.89 2.79 8.35
CA GLY B 57 11.21 3.69 7.26
C GLY B 57 10.33 3.51 6.03
N GLU B 58 10.11 2.27 5.62
N GLU B 58 10.09 2.28 5.61
CA GLU B 58 9.20 1.99 4.48
CA GLU B 58 9.21 2.08 4.46
C GLU B 58 7.80 2.56 4.76
C GLU B 58 7.79 2.60 4.76
N ARG B 59 7.30 2.35 5.97
CA ARG B 59 5.95 2.77 6.33
C ARG B 59 5.75 4.30 6.33
N VAL B 60 6.74 5.05 6.81
CA VAL B 60 6.62 6.52 6.86
C VAL B 60 7.44 7.23 5.81
N PHE B 61 7.94 6.47 4.83
CA PHE B 61 8.61 7.08 3.69
C PHE B 61 9.72 7.97 4.17
N LEU B 62 10.48 7.51 5.19
CA LEU B 62 11.71 8.18 5.58
C LEU B 62 12.94 7.30 5.31
N ASP B 63 14.05 7.96 4.99
N ASP B 63 14.06 7.95 5.00
CA ASP B 63 15.36 7.31 4.87
CA ASP B 63 15.32 7.23 4.85
C ASP B 63 15.92 7.01 6.27
C ASP B 63 15.94 7.03 6.23
N SER B 64 16.85 6.06 6.34
CA SER B 64 17.54 5.74 7.60
C SER B 64 18.32 6.93 8.16
N GLY B 65 18.96 7.69 7.30
CA GLY B 65 19.66 8.89 7.71
C GLY B 65 18.77 9.85 8.47
N THR B 66 17.49 9.89 8.11
CA THR B 66 16.54 10.78 8.78
C THR B 66 15.98 10.09 10.02
N LEU B 67 15.56 8.85 9.86
CA LEU B 67 14.89 8.12 10.92
C LEU B 67 15.78 7.79 12.11
N THR B 68 17.09 7.65 11.87
CA THR B 68 17.98 7.25 12.94
C THR B 68 18.20 8.31 14.03
N PRO B 69 18.54 9.55 13.65
CA PRO B 69 18.71 10.52 14.74
C PRO B 69 17.37 10.93 15.35
N LEU B 70 16.29 10.81 14.57
CA LEU B 70 14.96 11.09 15.05
C LEU B 70 14.53 10.07 16.14
N LEU B 71 14.76 8.77 15.90
CA LEU B 71 14.49 7.75 16.92
C LEU B 71 15.31 7.96 18.20
N LYS B 72 16.56 8.38 18.07
CA LYS B 72 17.37 8.67 19.28
C LYS B 72 16.73 9.76 20.12
N LYS B 73 16.17 10.75 19.44
CA LYS B 73 15.53 11.87 20.13
C LYS B 73 14.27 11.40 20.81
N LEU B 74 13.51 10.57 20.13
CA LEU B 74 12.29 10.02 20.71
C LEU B 74 12.62 9.09 21.88
N GLU B 75 13.81 8.51 21.84
CA GLU B 75 14.26 7.65 22.90
C GLU B 75 14.60 8.54 24.12
N LYS B 76 15.38 9.58 23.87
CA LYS B 76 15.67 10.60 24.88
C LYS B 76 14.41 11.15 25.57
N LYS B 77 13.33 11.32 24.78
CA LYS B 77 12.02 11.75 25.30
C LYS B 77 11.25 10.61 26.00
N ASP B 78 11.87 9.43 26.08
N ASP B 78 11.86 9.44 26.06
CA ASP B 78 11.21 8.28 26.71
CA ASP B 78 11.22 8.31 26.70
C ASP B 78 9.90 7.89 26.05
C ASP B 78 9.88 7.94 26.05
N TYR B 79 9.79 8.12 24.73
CA TYR B 79 8.56 7.75 23.99
C TYR B 79 8.71 6.42 23.26
N VAL B 80 9.91 6.13 22.79
CA VAL B 80 10.22 4.84 22.21
C VAL B 80 11.39 4.21 22.95
N VAL B 81 11.51 2.89 22.81
CA VAL B 81 12.63 2.17 23.34
C VAL B 81 13.21 1.32 22.24
N ARG B 82 14.53 1.19 22.22
CA ARG B 82 15.14 0.26 21.29
C ARG B 82 15.65 -0.98 22.02
N THR B 83 15.27 -2.16 21.53
CA THR B 83 15.66 -3.42 22.13
C THR B 83 16.41 -4.27 21.10
N ARG B 84 17.67 -4.61 21.38
CA ARG B 84 18.49 -5.33 20.40
C ARG B 84 18.05 -6.78 20.21
N LEU B 92 18.22 -4.42 16.17
CA LEU B 92 17.42 -3.54 17.03
C LEU B 92 15.95 -3.49 16.64
N GLN B 93 15.08 -3.43 17.63
CA GLN B 93 13.65 -3.29 17.37
C GLN B 93 13.18 -1.99 18.00
N ILE B 94 12.16 -1.38 17.41
CA ILE B 94 11.57 -0.17 17.95
C ILE B 94 10.15 -0.46 18.47
N SER B 95 9.81 0.13 19.61
CA SER B 95 8.46 0.03 20.12
C SER B 95 8.13 1.25 20.99
N LEU B 96 6.88 1.35 21.41
CA LEU B 96 6.45 2.51 22.20
C LEU B 96 6.62 2.24 23.69
N THR B 97 7.06 3.24 24.45
CA THR B 97 7.08 3.08 25.91
C THR B 97 5.69 3.30 26.44
N GLU B 98 5.50 3.10 27.75
CA GLU B 98 4.21 3.40 28.33
C GLU B 98 3.93 4.90 28.16
N GLN B 99 4.95 5.71 28.34
CA GLN B 99 4.79 7.14 28.10
C GLN B 99 4.39 7.43 26.64
N GLY B 100 5.10 6.82 25.69
CA GLY B 100 4.75 6.92 24.26
C GLY B 100 3.32 6.52 23.93
N LYS B 101 2.88 5.39 24.47
CA LYS B 101 1.50 4.92 24.26
C LYS B 101 0.52 5.94 24.86
N ALA B 102 0.87 6.53 26.00
CA ALA B 102 0.02 7.49 26.66
C ALA B 102 -0.05 8.82 25.90
N ILE B 103 1.07 9.29 25.37
CA ILE B 103 1.10 10.58 24.68
C ILE B 103 0.34 10.57 23.34
N LYS B 104 0.15 9.38 22.78
CA LYS B 104 -0.58 9.21 21.55
C LYS B 104 -2.08 9.48 21.68
N SER B 105 -2.58 9.50 22.91
CA SER B 105 -3.97 9.85 23.14
C SER B 105 -4.24 11.28 22.67
N PRO B 106 -3.60 12.27 23.31
CA PRO B 106 -3.74 13.68 22.88
C PRO B 106 -3.18 13.96 21.49
N LEU B 107 -2.11 13.27 21.08
CA LEU B 107 -1.55 13.54 19.77
C LEU B 107 -2.56 13.24 18.65
N ALA B 108 -3.34 12.20 18.83
CA ALA B 108 -4.41 11.79 17.90
C ALA B 108 -5.42 12.92 17.68
N GLU B 109 -5.69 13.69 18.71
CA GLU B 109 -6.61 14.81 18.59
C GLU B 109 -6.11 15.85 17.61
N ILE B 110 -4.81 15.89 17.34
CA ILE B 110 -4.25 17.00 16.57
C ILE B 110 -4.69 17.02 15.09
N SER B 111 -4.66 15.86 14.43
CA SER B 111 -5.14 15.76 13.06
CA SER B 111 -5.14 15.76 13.05
C SER B 111 -6.59 16.25 12.94
N VAL B 112 -7.42 15.85 13.90
CA VAL B 112 -8.82 16.26 13.89
C VAL B 112 -8.91 17.79 14.01
N LYS B 113 -8.13 18.34 14.94
CA LYS B 113 -8.06 19.79 15.19
C LYS B 113 -7.63 20.58 13.97
N VAL B 114 -6.62 20.08 13.28
CA VAL B 114 -6.16 20.74 12.09
C VAL B 114 -7.23 20.72 11.00
N PHE B 115 -7.89 19.58 10.84
CA PHE B 115 -8.87 19.39 9.76
C PHE B 115 -10.06 20.32 10.02
N ASN B 116 -10.52 20.32 11.28
CA ASN B 116 -11.61 21.19 11.76
C ASN B 116 -11.33 22.69 11.67
N GLU B 117 -10.07 23.02 11.48
CA GLU B 117 -9.62 24.39 11.47
C GLU B 117 -9.58 24.94 10.07
N PHE B 118 -9.33 24.04 9.12
CA PHE B 118 -9.34 24.39 7.71
C PHE B 118 -10.76 24.44 7.14
N ASN B 119 -10.93 25.35 6.20
CA ASN B 119 -12.11 25.41 5.37
C ASN B 119 -12.03 24.32 4.32
N ILE B 120 -12.62 23.19 4.61
CA ILE B 120 -12.57 22.08 3.68
C ILE B 120 -13.69 21.24 4.15
N SER B 121 -14.54 20.82 3.23
CA SER B 121 -15.71 20.03 3.60
C SER B 121 -15.41 18.54 3.69
N GLU B 122 -16.33 17.78 4.27
CA GLU B 122 -16.16 16.34 4.28
C GLU B 122 -16.07 15.75 2.84
N ARG B 123 -16.86 16.27 1.92
N ARG B 123 -16.87 16.26 1.93
CA ARG B 123 -16.82 15.77 0.54
CA ARG B 123 -16.82 15.78 0.55
C ARG B 123 -15.52 16.15 -0.16
C ARG B 123 -15.51 16.15 -0.14
N GLU B 124 -15.01 17.34 0.15
CA GLU B 124 -13.80 17.80 -0.45
C GLU B 124 -12.60 16.98 0.03
N ALA B 125 -12.59 16.69 1.33
CA ALA B 125 -11.61 15.77 1.97
C ALA B 125 -11.63 14.37 1.34
N SER B 126 -12.83 13.84 1.15
N SER B 126 -12.82 13.82 1.13
CA SER B 126 -13.03 12.53 0.53
CA SER B 126 -12.99 12.50 0.50
C SER B 126 -12.37 12.46 -0.87
C SER B 126 -12.38 12.43 -0.90
N ASP B 127 -12.57 13.49 -1.68
CA ASP B 127 -12.01 13.57 -3.02
C ASP B 127 -10.50 13.63 -2.99
N ILE B 128 -9.96 14.47 -2.11
CA ILE B 128 -8.52 14.57 -1.94
C ILE B 128 -7.97 13.22 -1.52
N ILE B 129 -8.63 12.55 -0.58
CA ILE B 129 -8.18 11.24 -0.11
C ILE B 129 -8.09 10.27 -1.31
N ASN B 130 -9.22 10.08 -1.98
CA ASN B 130 -9.27 9.26 -3.19
C ASN B 130 -8.12 9.54 -4.17
N ASN B 131 -7.94 10.80 -4.54
CA ASN B 131 -6.93 11.17 -5.52
C ASN B 131 -5.49 11.00 -5.05
N LEU B 132 -5.21 11.25 -3.77
CA LEU B 132 -3.85 11.07 -3.29
C LEU B 132 -3.53 9.58 -3.11
N ARG B 133 -4.54 8.79 -2.76
CA ARG B 133 -4.42 7.36 -2.68
C ARG B 133 -3.78 6.89 -3.99
N ASN B 134 -4.48 7.19 -5.09
CA ASN B 134 -4.00 6.89 -6.40
C ASN B 134 -2.61 7.48 -6.70
N PHE B 135 -2.46 8.78 -6.52
CA PHE B 135 -1.18 9.49 -6.70
C PHE B 135 0.00 8.78 -6.06
N VAL B 136 -0.29 8.00 -5.01
CA VAL B 136 0.66 7.14 -4.31
C VAL B 136 0.49 5.69 -4.79
N SER B 137 -0.76 5.22 -4.71
CA SER B 137 -1.23 3.92 -5.13
C SER B 137 -0.56 3.34 -6.39
N LYS B 138 -0.79 3.97 -7.54
CA LYS B 138 -0.15 3.51 -8.76
C LYS B 138 1.32 3.87 -8.70
N ASN B 139 1.76 4.31 -7.52
CA ASN B 139 3.13 4.83 -7.35
C ASN B 139 3.99 4.27 -6.22
N PHE B 140 3.39 3.66 -5.21
CA PHE B 140 4.15 3.18 -4.04
C PHE B 140 3.62 1.85 -3.52
N GLY C 1 -6.83 -19.80 23.50
CA GLY C 1 -6.46 -18.35 23.54
C GLY C 1 -6.50 -17.73 22.15
N SER C 2 -6.10 -16.47 22.04
CA SER C 2 -6.25 -15.76 20.77
C SER C 2 -5.47 -16.40 19.60
N HIS C 3 -4.35 -17.07 19.88
CA HIS C 3 -3.58 -17.64 18.77
C HIS C 3 -4.34 -18.76 18.12
N MET C 4 -5.26 -19.35 18.84
CA MET C 4 -6.17 -20.30 18.24
CA MET C 4 -6.18 -20.31 18.26
C MET C 4 -7.36 -19.60 17.60
N TYR C 5 -8.08 -18.76 18.36
CA TYR C 5 -9.32 -18.31 17.75
C TYR C 5 -9.10 -17.28 16.65
N LEU C 6 -8.09 -16.42 16.73
CA LEU C 6 -7.87 -15.52 15.61
C LEU C 6 -7.40 -16.31 14.37
N SER C 7 -6.52 -17.28 14.57
CA SER C 7 -5.97 -18.02 13.42
CA SER C 7 -5.97 -18.03 13.44
C SER C 7 -7.07 -18.79 12.70
N LYS C 8 -7.99 -19.39 13.46
CA LYS C 8 -9.10 -20.11 12.85
C LYS C 8 -9.95 -19.20 11.93
N GLN C 9 -10.18 -17.98 12.39
CA GLN C 9 -10.94 -17.02 11.59
C GLN C 9 -10.17 -16.62 10.34
N LEU C 10 -8.87 -16.38 10.43
CA LEU C 10 -8.14 -16.00 9.23
C LEU C 10 -8.18 -17.13 8.22
N CYS C 11 -7.79 -18.31 8.67
CA CYS C 11 -7.91 -19.52 7.88
C CYS C 11 -9.24 -19.68 7.13
N PHE C 12 -10.34 -19.62 7.86
CA PHE C 12 -11.62 -19.86 7.23
C PHE C 12 -12.01 -18.74 6.24
N LEU C 13 -11.74 -17.49 6.64
CA LEU C 13 -12.14 -16.32 5.85
C LEU C 13 -11.29 -16.19 4.62
N PHE C 14 -10.00 -16.58 4.72
CA PHE C 14 -9.17 -16.67 3.52
C PHE C 14 -9.60 -17.80 2.61
N TYR C 15 -10.01 -18.93 3.21
CA TYR C 15 -10.50 -20.06 2.44
C TYR C 15 -11.71 -19.67 1.57
N VAL C 16 -12.70 -19.01 2.20
CA VAL C 16 -13.91 -18.67 1.48
C VAL C 16 -13.64 -17.60 0.42
N SER C 17 -12.99 -16.53 0.85
CA SER C 17 -12.71 -15.41 -0.02
CA SER C 17 -12.73 -15.42 -0.05
C SER C 17 -11.89 -15.85 -1.24
N SER C 18 -10.79 -16.57 -0.99
CA SER C 18 -9.88 -16.98 -2.08
C SER C 18 -10.57 -17.84 -3.11
N LYS C 19 -11.25 -18.88 -2.64
CA LYS C 19 -11.98 -19.80 -3.52
C LYS C 19 -12.96 -19.04 -4.45
N GLU C 20 -13.68 -18.08 -3.89
CA GLU C 20 -14.69 -17.37 -4.68
C GLU C 20 -14.07 -16.33 -5.62
N ILE C 21 -12.98 -15.70 -5.21
CA ILE C 21 -12.32 -14.74 -6.08
C ILE C 21 -11.73 -15.50 -7.30
N ILE C 22 -11.01 -16.58 -7.01
CA ILE C 22 -10.42 -17.38 -8.08
C ILE C 22 -11.46 -17.88 -9.05
N LYS C 23 -12.65 -18.23 -8.56
N LYS C 23 -12.66 -18.18 -8.54
CA LYS C 23 -13.69 -18.69 -9.48
CA LYS C 23 -13.74 -18.67 -9.37
C LYS C 23 -13.98 -17.61 -10.51
C LYS C 23 -14.12 -17.65 -10.44
N LYS C 24 -14.08 -16.37 -10.08
CA LYS C 24 -14.40 -15.31 -11.02
C LYS C 24 -13.33 -15.13 -12.10
N TYR C 25 -12.07 -15.13 -11.68
CA TYR C 25 -10.93 -15.10 -12.61
C TYR C 25 -11.00 -16.28 -13.59
N THR C 26 -11.22 -17.48 -13.05
CA THR C 26 -11.28 -18.68 -13.89
C THR C 26 -12.37 -18.54 -14.98
N ASN C 27 -13.51 -17.92 -14.64
CA ASN C 27 -14.55 -17.63 -15.64
CA ASN C 27 -14.54 -17.66 -15.66
C ASN C 27 -14.02 -16.73 -16.75
N TYR C 28 -13.44 -15.61 -16.37
CA TYR C 28 -12.94 -14.65 -17.33
C TYR C 28 -11.75 -15.14 -18.17
N LEU C 29 -10.97 -16.07 -17.62
CA LEU C 29 -9.76 -16.54 -18.27
C LEU C 29 -10.02 -17.67 -19.28
N LYS C 30 -11.19 -18.28 -19.19
CA LYS C 30 -11.60 -19.33 -20.11
C LYS C 30 -11.36 -18.92 -21.59
N GLU C 31 -11.78 -17.71 -21.91
CA GLU C 31 -11.57 -17.12 -23.23
C GLU C 31 -10.09 -17.13 -23.72
N TYR C 32 -9.14 -17.06 -22.79
CA TYR C 32 -7.71 -16.93 -23.11
C TYR C 32 -6.99 -18.25 -23.02
N ASP C 33 -7.69 -19.28 -22.57
CA ASP C 33 -7.10 -20.57 -22.38
C ASP C 33 -6.01 -20.51 -21.34
N LEU C 34 -6.25 -19.77 -20.24
CA LEU C 34 -5.29 -19.60 -19.17
C LEU C 34 -5.90 -20.08 -17.86
N THR C 35 -5.13 -20.79 -17.06
CA THR C 35 -5.48 -21.00 -15.64
C THR C 35 -5.08 -19.73 -14.87
N TYR C 36 -5.65 -19.61 -13.69
CA TYR C 36 -5.39 -18.45 -12.84
C TYR C 36 -3.88 -18.26 -12.60
N THR C 37 -3.19 -19.32 -12.21
CA THR C 37 -1.73 -19.21 -11.98
C THR C 37 -0.96 -18.83 -13.25
N GLY C 38 -1.43 -19.24 -14.42
CA GLY C 38 -0.76 -18.86 -15.67
C GLY C 38 -0.95 -17.36 -15.90
N TYR C 39 -2.16 -16.90 -15.58
CA TYR C 39 -2.45 -15.48 -15.72
C TYR C 39 -1.53 -14.70 -14.79
N ILE C 40 -1.37 -15.20 -13.57
CA ILE C 40 -0.52 -14.51 -12.59
C ILE C 40 0.93 -14.38 -13.13
N VAL C 41 1.42 -15.48 -13.70
CA VAL C 41 2.77 -15.50 -14.27
C VAL C 41 2.86 -14.43 -15.37
N LEU C 42 1.89 -14.41 -16.30
CA LEU C 42 2.03 -13.49 -17.46
C LEU C 42 2.00 -12.03 -17.02
N MET C 43 1.13 -11.73 -16.06
CA MET C 43 1.00 -10.39 -15.55
C MET C 43 2.30 -9.94 -14.87
N ALA C 44 3.03 -10.90 -14.28
CA ALA C 44 4.26 -10.65 -13.50
C ALA C 44 5.47 -10.30 -14.36
N ILE C 45 5.46 -10.72 -15.62
CA ILE C 45 6.58 -10.48 -16.53
C ILE C 45 6.46 -9.16 -17.28
N GLU C 46 7.38 -8.24 -17.03
CA GLU C 46 7.33 -6.95 -17.67
C GLU C 46 7.53 -7.12 -19.16
N ASN C 47 6.97 -6.21 -19.94
CA ASN C 47 7.04 -6.35 -21.37
C ASN C 47 8.44 -6.20 -21.93
N ASP C 48 9.29 -5.42 -21.28
CA ASP C 48 10.64 -5.18 -21.79
C ASP C 48 11.68 -6.04 -21.07
N GLU C 49 11.23 -7.13 -20.48
CA GLU C 49 12.02 -7.84 -19.49
C GLU C 49 12.41 -9.27 -19.87
N LYS C 50 13.66 -9.58 -19.56
CA LYS C 50 14.22 -10.92 -19.65
C LYS C 50 14.48 -11.36 -18.19
N LEU C 51 14.08 -12.57 -17.84
CA LEU C 51 14.08 -12.97 -16.44
C LEU C 51 14.35 -14.46 -16.26
N ASN C 52 15.11 -14.84 -15.23
CA ASN C 52 15.26 -16.28 -14.94
C ASN C 52 14.18 -16.89 -14.03
N ILE C 53 14.00 -18.22 -14.11
CA ILE C 53 12.91 -18.89 -13.44
CA ILE C 53 12.90 -18.89 -13.43
C ILE C 53 12.86 -18.75 -11.91
N LYS C 54 14.04 -18.64 -11.26
CA LYS C 54 14.09 -18.45 -9.78
C LYS C 54 13.63 -17.03 -9.41
N LYS C 55 14.06 -16.02 -10.16
CA LYS C 55 13.58 -14.65 -9.90
C LYS C 55 12.06 -14.52 -10.11
N LEU C 56 11.57 -15.18 -11.16
CA LEU C 56 10.16 -15.17 -11.47
C LEU C 56 9.38 -15.86 -10.36
N GLY C 57 9.93 -16.97 -9.84
CA GLY C 57 9.31 -17.72 -8.76
C GLY C 57 9.23 -16.89 -7.48
N GLU C 58 10.29 -16.15 -7.17
N GLU C 58 10.31 -16.19 -7.18
CA GLU C 58 10.26 -15.24 -6.02
CA GLU C 58 10.32 -15.24 -6.08
C GLU C 58 9.23 -14.13 -6.22
C GLU C 58 9.17 -14.24 -6.26
N ARG C 59 9.10 -13.65 -7.45
CA ARG C 59 8.18 -12.54 -7.69
C ARG C 59 6.72 -12.93 -7.51
N VAL C 60 6.36 -14.13 -7.95
CA VAL C 60 4.98 -14.56 -7.83
C VAL C 60 4.77 -15.61 -6.74
N PHE C 61 5.76 -15.85 -5.89
CA PHE C 61 5.59 -16.77 -4.78
C PHE C 61 5.22 -18.18 -5.23
N LEU C 62 5.88 -18.69 -6.27
CA LEU C 62 5.65 -20.05 -6.74
C LEU C 62 6.97 -20.80 -6.63
N ASP C 63 6.90 -22.09 -6.33
CA ASP C 63 8.13 -22.88 -6.32
CA ASP C 63 8.08 -22.95 -6.30
C ASP C 63 8.43 -23.40 -7.73
N SER C 64 9.70 -23.75 -7.98
CA SER C 64 10.08 -24.17 -9.33
C SER C 64 9.25 -25.36 -9.79
N GLY C 65 8.94 -26.27 -8.85
CA GLY C 65 8.18 -27.47 -9.18
C GLY C 65 6.83 -27.12 -9.81
N THR C 66 6.33 -25.92 -9.50
CA THR C 66 5.05 -25.46 -10.02
C THR C 66 5.27 -24.66 -11.30
N LEU C 67 6.25 -23.79 -11.26
CA LEU C 67 6.51 -22.89 -12.37
C LEU C 67 7.01 -23.61 -13.65
N THR C 68 7.87 -24.60 -13.45
CA THR C 68 8.48 -25.32 -14.57
C THR C 68 7.48 -25.84 -15.58
N PRO C 69 6.59 -26.75 -15.16
CA PRO C 69 5.59 -27.26 -16.11
C PRO C 69 4.64 -26.15 -16.58
N LEU C 70 4.45 -25.12 -15.76
CA LEU C 70 3.52 -24.04 -16.14
C LEU C 70 4.09 -23.23 -17.31
N LEU C 71 5.38 -22.88 -17.23
CA LEU C 71 6.04 -22.17 -18.30
C LEU C 71 6.09 -22.97 -19.61
N LYS C 72 6.10 -24.29 -19.49
CA LYS C 72 6.11 -25.18 -20.66
C LYS C 72 4.80 -24.96 -21.38
N LYS C 73 3.73 -24.84 -20.61
CA LYS C 73 2.41 -24.67 -21.17
C LYS C 73 2.23 -23.30 -21.81
N LEU C 74 2.74 -22.28 -21.13
CA LEU C 74 2.70 -20.92 -21.68
C LEU C 74 3.57 -20.82 -22.92
N GLU C 75 4.68 -21.58 -22.95
CA GLU C 75 5.49 -21.62 -24.15
CA GLU C 75 5.49 -21.61 -24.14
C GLU C 75 4.69 -22.26 -25.27
N LYS C 76 4.00 -23.35 -24.97
CA LYS C 76 3.22 -24.04 -26.02
C LYS C 76 2.06 -23.20 -26.52
N LYS C 77 1.64 -22.22 -25.72
CA LYS C 77 0.55 -21.32 -26.12
C LYS C 77 1.07 -20.04 -26.77
N ASP C 78 2.38 -19.99 -26.99
CA ASP C 78 3.00 -18.85 -27.66
C ASP C 78 2.89 -17.55 -26.87
N TYR C 79 2.76 -17.65 -25.54
CA TYR C 79 2.72 -16.47 -24.67
C TYR C 79 4.11 -16.15 -24.12
N VAL C 80 4.92 -17.19 -23.93
CA VAL C 80 6.24 -17.06 -23.38
C VAL C 80 7.32 -17.74 -24.23
N VAL C 81 8.54 -17.18 -24.19
CA VAL C 81 9.66 -17.77 -24.94
C VAL C 81 10.92 -17.75 -24.09
N ARG C 82 11.77 -18.76 -24.29
CA ARG C 82 13.05 -18.87 -23.60
C ARG C 82 14.15 -18.33 -24.51
N THR C 83 15.20 -17.80 -23.88
CA THR C 83 16.21 -17.04 -24.57
C THR C 83 17.62 -17.50 -24.26
N ARG C 84 18.59 -16.94 -24.99
CA ARG C 84 20.00 -17.07 -24.64
C ARG C 84 20.53 -15.72 -24.17
N LEU C 92 19.24 -19.68 -19.45
CA LEU C 92 18.11 -19.40 -20.32
C LEU C 92 17.06 -18.51 -19.66
N GLN C 93 16.84 -17.34 -20.24
CA GLN C 93 15.86 -16.41 -19.71
C GLN C 93 14.46 -16.80 -20.13
N ILE C 94 13.48 -16.15 -19.52
CA ILE C 94 12.08 -16.20 -19.91
C ILE C 94 11.67 -14.80 -20.35
N SER C 95 10.82 -14.72 -21.37
CA SER C 95 10.28 -13.40 -21.73
C SER C 95 8.96 -13.55 -22.47
N LEU C 96 8.27 -12.43 -22.71
CA LEU C 96 6.99 -12.51 -23.39
C LEU C 96 7.24 -12.46 -24.88
N THR C 97 6.48 -13.27 -25.61
CA THR C 97 6.45 -13.18 -27.06
C THR C 97 5.63 -11.93 -27.38
N GLU C 98 5.64 -11.51 -28.64
CA GLU C 98 4.83 -10.35 -29.04
C GLU C 98 3.36 -10.64 -28.74
N GLN C 99 2.97 -11.90 -28.89
CA GLN C 99 1.61 -12.35 -28.60
C GLN C 99 1.29 -12.35 -27.10
N GLY C 100 2.28 -12.69 -26.27
CA GLY C 100 2.11 -12.62 -24.83
C GLY C 100 1.91 -11.19 -24.40
N LYS C 101 2.72 -10.29 -24.98
CA LYS C 101 2.60 -8.87 -24.71
C LYS C 101 1.24 -8.36 -25.15
N ALA C 102 0.77 -8.81 -26.32
CA ALA C 102 -0.54 -8.41 -26.83
C ALA C 102 -1.71 -8.61 -25.85
N ILE C 103 -1.80 -9.77 -25.22
CA ILE C 103 -2.90 -10.04 -24.29
C ILE C 103 -2.71 -9.44 -22.89
N LYS C 104 -1.61 -8.74 -22.68
CA LYS C 104 -1.36 -8.06 -21.42
C LYS C 104 -2.43 -7.01 -21.16
N SER C 105 -2.82 -6.30 -22.21
CA SER C 105 -3.81 -5.21 -22.10
C SER C 105 -5.20 -5.73 -21.72
N PRO C 106 -5.74 -6.68 -22.50
CA PRO C 106 -7.01 -7.27 -22.10
C PRO C 106 -6.92 -7.98 -20.75
N LEU C 107 -5.81 -8.66 -20.48
CA LEU C 107 -5.66 -9.34 -19.21
C LEU C 107 -5.74 -8.41 -18.00
N ALA C 108 -5.15 -7.23 -18.13
CA ALA C 108 -5.12 -6.25 -17.03
C ALA C 108 -6.52 -5.78 -16.65
N GLU C 109 -7.43 -5.85 -17.60
CA GLU C 109 -8.79 -5.42 -17.31
C GLU C 109 -9.54 -6.42 -16.44
N ILE C 110 -9.03 -7.63 -16.32
CA ILE C 110 -9.76 -8.65 -15.59
C ILE C 110 -9.87 -8.39 -14.09
N SER C 111 -8.81 -7.97 -13.45
CA SER C 111 -8.89 -7.71 -12.02
CA SER C 111 -8.86 -7.69 -12.02
C SER C 111 -9.88 -6.60 -11.70
N VAL C 112 -10.00 -5.61 -12.60
CA VAL C 112 -11.00 -4.54 -12.47
C VAL C 112 -12.40 -5.15 -12.59
N LYS C 113 -12.62 -5.98 -13.60
CA LYS C 113 -13.89 -6.68 -13.75
C LYS C 113 -14.31 -7.49 -12.52
N VAL C 114 -13.37 -8.23 -11.95
CA VAL C 114 -13.66 -9.06 -10.82
C VAL C 114 -14.01 -8.13 -9.63
N PHE C 115 -13.20 -7.08 -9.43
CA PHE C 115 -13.44 -6.09 -8.36
C PHE C 115 -14.86 -5.52 -8.55
N ASN C 116 -15.15 -5.17 -9.79
CA ASN C 116 -16.42 -4.51 -10.14
C ASN C 116 -17.65 -5.39 -9.97
N GLU C 117 -17.48 -6.73 -9.89
CA GLU C 117 -18.57 -7.68 -9.69
C GLU C 117 -18.95 -7.83 -8.23
N PHE C 118 -17.94 -7.61 -7.39
CA PHE C 118 -18.13 -7.84 -5.96
C PHE C 118 -18.72 -6.64 -5.24
N ASN C 119 -19.46 -6.93 -4.18
CA ASN C 119 -19.95 -5.89 -3.26
C ASN C 119 -18.81 -5.43 -2.34
N ILE C 120 -18.07 -4.42 -2.77
CA ILE C 120 -16.94 -3.92 -2.04
C ILE C 120 -16.65 -2.52 -2.53
N SER C 121 -16.46 -1.60 -1.59
CA SER C 121 -16.26 -0.21 -1.93
C SER C 121 -14.76 0.12 -2.08
N GLU C 122 -14.47 1.28 -2.66
CA GLU C 122 -13.10 1.78 -2.72
C GLU C 122 -12.44 1.90 -1.32
N ARG C 123 -13.16 2.43 -0.33
CA ARG C 123 -12.65 2.48 1.05
C ARG C 123 -12.35 1.08 1.61
N GLU C 124 -13.29 0.15 1.45
CA GLU C 124 -13.07 -1.24 1.93
C GLU C 124 -11.81 -1.88 1.30
N ALA C 125 -11.57 -1.56 0.04
CA ALA C 125 -10.42 -2.12 -0.73
C ALA C 125 -9.14 -1.49 -0.20
N SER C 126 -9.18 -0.18 -0.01
N SER C 126 -9.22 -0.18 -0.02
CA SER C 126 -8.04 0.50 0.55
CA SER C 126 -8.14 0.60 0.56
C SER C 126 -7.66 -0.07 1.92
C SER C 126 -7.69 -0.02 1.91
N ASP C 127 -8.67 -0.35 2.75
CA ASP C 127 -8.41 -0.93 4.08
C ASP C 127 -7.73 -2.30 3.98
N ILE C 128 -8.26 -3.17 3.12
CA ILE C 128 -7.66 -4.50 2.94
C ILE C 128 -6.25 -4.33 2.41
N ILE C 129 -6.07 -3.40 1.47
CA ILE C 129 -4.74 -3.13 0.88
C ILE C 129 -3.75 -2.72 1.97
N ASN C 130 -4.15 -1.78 2.81
CA ASN C 130 -3.25 -1.32 3.85
C ASN C 130 -2.96 -2.50 4.79
N ASN C 131 -3.95 -3.30 5.12
CA ASN C 131 -3.71 -4.35 6.10
C ASN C 131 -2.84 -5.48 5.52
N LEU C 132 -3.12 -5.86 4.28
CA LEU C 132 -2.31 -6.91 3.65
C LEU C 132 -0.90 -6.43 3.25
N ARG C 133 -0.76 -5.16 2.88
CA ARG C 133 0.55 -4.68 2.52
C ARG C 133 1.47 -4.79 3.75
N ASN C 134 0.91 -4.47 4.91
CA ASN C 134 1.68 -4.53 6.16
C ASN C 134 2.06 -5.99 6.48
N PHE C 135 1.08 -6.88 6.35
CA PHE C 135 1.30 -8.32 6.61
C PHE C 135 2.39 -8.87 5.68
N VAL C 136 2.29 -8.55 4.39
CA VAL C 136 3.29 -8.99 3.42
C VAL C 136 4.64 -8.36 3.71
N SER C 137 4.65 -7.08 4.08
CA SER C 137 5.93 -6.44 4.37
C SER C 137 6.62 -7.04 5.58
N LYS C 138 5.85 -7.53 6.53
CA LYS C 138 6.45 -8.00 7.77
C LYS C 138 6.84 -9.47 7.63
N ASN C 139 6.33 -10.13 6.59
CA ASN C 139 6.48 -11.56 6.50
C ASN C 139 7.23 -12.09 5.27
N PHE C 140 7.44 -11.26 4.24
CA PHE C 140 8.12 -11.75 3.03
C PHE C 140 9.21 -10.78 2.57
N HIS D 3 -9.54 2.89 -11.13
CA HIS D 3 -9.50 1.64 -10.31
C HIS D 3 -8.68 0.50 -10.95
N MET D 4 -7.90 0.80 -11.97
CA MET D 4 -7.03 -0.22 -12.54
C MET D 4 -5.94 -0.63 -11.53
N TYR D 5 -5.31 0.36 -10.93
CA TYR D 5 -4.24 0.12 -10.00
C TYR D 5 -4.72 -0.24 -8.61
N LEU D 6 -5.80 0.38 -8.14
CA LEU D 6 -6.42 -0.06 -6.90
C LEU D 6 -6.72 -1.57 -6.98
N SER D 7 -7.37 -2.01 -8.05
CA SER D 7 -7.70 -3.42 -8.11
C SER D 7 -6.45 -4.30 -8.29
N LYS D 8 -5.46 -3.81 -9.04
CA LYS D 8 -4.19 -4.53 -9.21
C LYS D 8 -3.54 -4.84 -7.84
N GLN D 9 -3.50 -3.90 -6.93
CA GLN D 9 -2.87 -4.06 -5.59
C GLN D 9 -3.67 -4.94 -4.69
N LEU D 10 -4.98 -4.69 -4.70
CA LEU D 10 -5.86 -5.46 -3.83
C LEU D 10 -5.79 -6.94 -4.15
N CYS D 11 -5.87 -7.25 -5.44
CA CYS D 11 -5.81 -8.64 -5.87
C CYS D 11 -4.43 -9.26 -5.70
N PHE D 12 -3.36 -8.54 -6.03
CA PHE D 12 -2.05 -9.14 -5.83
C PHE D 12 -1.76 -9.39 -4.33
N LEU D 13 -2.03 -8.38 -3.51
CA LEU D 13 -1.79 -8.57 -2.10
C LEU D 13 -2.64 -9.68 -1.56
N PHE D 14 -3.86 -9.80 -2.06
CA PHE D 14 -4.74 -10.84 -1.60
C PHE D 14 -4.20 -12.20 -2.06
N TYR D 15 -3.78 -12.28 -3.33
CA TYR D 15 -3.15 -13.48 -3.87
C TYR D 15 -1.98 -13.95 -2.98
N VAL D 16 -1.07 -13.05 -2.69
CA VAL D 16 0.13 -13.41 -1.93
C VAL D 16 -0.21 -13.87 -0.51
N SER D 17 -1.06 -13.10 0.19
CA SER D 17 -1.38 -13.36 1.59
C SER D 17 -2.10 -14.66 1.75
N SER D 18 -3.14 -14.85 0.92
CA SER D 18 -3.97 -16.03 1.00
CA SER D 18 -3.96 -16.03 1.01
C SER D 18 -3.12 -17.27 0.68
N LYS D 19 -2.32 -17.16 -0.38
CA LYS D 19 -1.52 -18.29 -0.79
C LYS D 19 -0.55 -18.74 0.29
N GLU D 20 0.15 -17.79 0.89
CA GLU D 20 1.17 -18.14 1.86
C GLU D 20 0.60 -18.70 3.15
N ILE D 21 -0.57 -18.21 3.56
CA ILE D 21 -1.21 -18.73 4.72
C ILE D 21 -1.66 -20.16 4.48
N ILE D 22 -2.33 -20.38 3.35
CA ILE D 22 -2.86 -21.68 3.00
C ILE D 22 -1.68 -22.63 2.85
N LYS D 23 -0.57 -22.13 2.30
CA LYS D 23 0.64 -22.97 2.11
C LYS D 23 1.18 -23.49 3.44
N LYS D 24 1.11 -22.65 4.47
CA LYS D 24 1.56 -23.09 5.78
C LYS D 24 0.68 -24.21 6.34
N TYR D 25 -0.64 -24.06 6.25
CA TYR D 25 -1.57 -25.13 6.66
C TYR D 25 -1.26 -26.38 5.87
N THR D 26 -1.07 -26.19 4.57
CA THR D 26 -0.78 -27.32 3.71
C THR D 26 0.48 -28.10 4.11
N ASN D 27 1.51 -27.38 4.54
CA ASN D 27 2.72 -28.03 5.08
C ASN D 27 2.43 -28.95 6.29
N TYR D 28 1.64 -28.48 7.24
CA TYR D 28 1.32 -29.26 8.42
C TYR D 28 0.40 -30.40 8.07
N LEU D 29 -0.42 -30.23 7.04
CA LEU D 29 -1.43 -31.25 6.72
C LEU D 29 -0.86 -32.46 5.98
N LYS D 30 0.33 -32.31 5.41
CA LYS D 30 1.02 -33.46 4.82
C LYS D 30 1.10 -34.67 5.76
N GLU D 31 1.38 -34.41 7.04
CA GLU D 31 1.48 -35.45 8.04
C GLU D 31 0.21 -36.30 8.10
N TYR D 32 -0.92 -35.66 7.74
CA TYR D 32 -2.27 -36.22 7.79
C TYR D 32 -2.80 -36.68 6.44
N ASP D 33 -2.02 -36.52 5.39
N ASP D 33 -1.98 -36.53 5.40
CA ASP D 33 -2.55 -36.89 4.09
CA ASP D 33 -2.33 -36.67 3.96
C ASP D 33 -3.84 -36.08 3.89
C ASP D 33 -3.55 -35.87 3.48
N LEU D 34 -3.82 -34.77 4.18
CA LEU D 34 -5.02 -33.93 3.99
C LEU D 34 -4.78 -32.73 3.07
N THR D 35 -5.76 -32.40 2.21
CA THR D 35 -5.66 -31.17 1.44
C THR D 35 -6.25 -30.04 2.32
N TYR D 36 -5.99 -28.80 1.96
CA TYR D 36 -6.47 -27.71 2.78
C TYR D 36 -8.00 -27.81 2.89
N THR D 37 -8.68 -28.01 1.76
CA THR D 37 -10.14 -28.09 1.77
C THR D 37 -10.64 -29.29 2.60
N GLY D 38 -9.96 -30.43 2.56
CA GLY D 38 -10.38 -31.58 3.36
C GLY D 38 -10.33 -31.28 4.85
N TYR D 39 -9.31 -30.52 5.23
CA TYR D 39 -9.11 -30.04 6.61
C TYR D 39 -10.27 -29.15 7.03
N ILE D 40 -10.57 -28.14 6.22
CA ILE D 40 -11.72 -27.27 6.48
C ILE D 40 -12.98 -28.08 6.71
N VAL D 41 -13.21 -29.10 5.88
CA VAL D 41 -14.38 -29.95 6.04
C VAL D 41 -14.41 -30.68 7.38
N LEU D 42 -13.29 -31.35 7.70
CA LEU D 42 -13.15 -31.97 9.01
C LEU D 42 -13.38 -31.01 10.16
N MET D 43 -12.85 -29.81 10.09
N MET D 43 -12.86 -29.79 10.05
CA MET D 43 -13.03 -28.88 11.19
CA MET D 43 -13.02 -28.83 11.13
C MET D 43 -14.51 -28.52 11.39
C MET D 43 -14.44 -28.28 11.24
N ALA D 44 -15.32 -28.68 10.32
CA ALA D 44 -16.74 -28.20 10.35
C ALA D 44 -17.67 -29.23 10.95
N ILE D 45 -17.18 -30.45 11.12
CA ILE D 45 -17.98 -31.49 11.72
C ILE D 45 -17.62 -31.56 13.19
N GLU D 46 -18.61 -31.38 14.07
CA GLU D 46 -18.33 -31.42 15.51
C GLU D 46 -18.20 -32.85 15.99
N ASN D 47 -17.46 -33.03 17.06
CA ASN D 47 -16.91 -34.33 17.39
C ASN D 47 -17.94 -35.41 17.28
N ASP D 48 -19.13 -35.14 17.77
CA ASP D 48 -20.10 -36.19 17.97
C ASP D 48 -21.32 -36.08 17.05
N GLU D 49 -21.21 -35.22 16.04
CA GLU D 49 -22.36 -34.76 15.30
C GLU D 49 -22.61 -35.60 14.05
N LYS D 50 -23.88 -35.86 13.77
CA LYS D 50 -24.31 -36.47 12.50
C LYS D 50 -24.98 -35.39 11.67
N LEU D 51 -24.48 -35.17 10.47
CA LEU D 51 -24.81 -33.98 9.71
C LEU D 51 -25.15 -34.31 8.26
N ASN D 52 -26.26 -33.77 7.76
N ASN D 52 -26.25 -33.76 7.77
CA ASN D 52 -26.56 -33.94 6.35
CA ASN D 52 -26.60 -33.88 6.35
C ASN D 52 -25.64 -33.13 5.43
C ASN D 52 -25.65 -33.11 5.41
N ILE D 53 -25.34 -33.72 4.26
CA ILE D 53 -24.37 -33.16 3.33
C ILE D 53 -24.71 -31.76 2.83
N LYS D 54 -26.01 -31.48 2.66
CA LYS D 54 -26.47 -30.16 2.24
C LYS D 54 -26.10 -29.19 3.34
N LYS D 55 -26.41 -29.57 4.58
CA LYS D 55 -26.00 -28.81 5.77
C LYS D 55 -24.50 -28.60 5.86
N LEU D 56 -23.74 -29.66 5.61
CA LEU D 56 -22.28 -29.53 5.63
C LEU D 56 -21.81 -28.58 4.55
N GLY D 57 -22.36 -28.68 3.35
CA GLY D 57 -21.97 -27.76 2.30
C GLY D 57 -22.25 -26.28 2.59
N GLU D 58 -23.37 -25.98 3.25
CA GLU D 58 -23.65 -24.59 3.63
C GLU D 58 -22.57 -24.07 4.59
N ARG D 59 -22.18 -24.92 5.51
CA ARG D 59 -21.19 -24.55 6.52
C ARG D 59 -19.86 -24.18 5.89
N VAL D 60 -19.50 -24.90 4.82
CA VAL D 60 -18.20 -24.68 4.18
C VAL D 60 -18.31 -24.02 2.79
N PHE D 61 -19.48 -23.52 2.47
CA PHE D 61 -19.71 -22.85 1.19
C PHE D 61 -19.31 -23.71 -0.01
N LEU D 62 -19.64 -25.00 0.03
CA LEU D 62 -19.42 -25.88 -1.12
C LEU D 62 -20.72 -26.49 -1.57
N ASP D 63 -20.89 -26.67 -2.89
CA ASP D 63 -22.00 -27.43 -3.43
C ASP D 63 -21.68 -28.93 -3.44
N SER D 64 -22.63 -29.75 -3.86
CA SER D 64 -22.51 -31.19 -3.63
C SER D 64 -21.53 -31.88 -4.56
N GLY D 65 -21.40 -31.37 -5.78
CA GLY D 65 -20.44 -31.89 -6.74
C GLY D 65 -19.01 -31.76 -6.23
N THR D 66 -18.78 -30.71 -5.44
CA THR D 66 -17.45 -30.44 -4.93
C THR D 66 -17.21 -31.22 -3.63
N LEU D 67 -18.24 -31.30 -2.79
CA LEU D 67 -18.13 -32.03 -1.53
C LEU D 67 -17.99 -33.54 -1.74
N THR D 68 -18.62 -34.06 -2.79
CA THR D 68 -18.74 -35.50 -2.99
C THR D 68 -17.41 -36.25 -3.01
N PRO D 69 -16.49 -35.79 -3.86
CA PRO D 69 -15.16 -36.38 -3.99
C PRO D 69 -14.36 -36.19 -2.71
N LEU D 70 -14.53 -35.04 -2.08
CA LEU D 70 -13.86 -34.77 -0.82
CA LEU D 70 -13.86 -34.77 -0.81
C LEU D 70 -14.35 -35.70 0.28
N LEU D 71 -15.65 -35.84 0.42
CA LEU D 71 -16.13 -36.76 1.41
C LEU D 71 -15.71 -38.22 1.15
N LYS D 72 -15.64 -38.64 -0.11
CA LYS D 72 -15.25 -40.02 -0.40
C LYS D 72 -13.80 -40.29 -0.02
N LYS D 73 -12.93 -39.32 -0.29
CA LYS D 73 -11.53 -39.37 0.12
C LYS D 73 -11.41 -39.47 1.63
N LEU D 74 -12.11 -38.59 2.34
CA LEU D 74 -12.04 -38.54 3.79
C LEU D 74 -12.52 -39.85 4.37
N GLU D 75 -13.50 -40.46 3.72
CA GLU D 75 -13.98 -41.78 4.11
C GLU D 75 -12.92 -42.87 3.87
N LYS D 76 -12.28 -42.84 2.72
CA LYS D 76 -11.21 -43.82 2.42
C LYS D 76 -10.04 -43.67 3.39
N LYS D 77 -9.82 -42.45 3.89
CA LYS D 77 -8.83 -42.17 4.93
C LYS D 77 -9.32 -42.52 6.34
N ASP D 78 -10.51 -43.12 6.44
N ASP D 78 -10.52 -43.08 6.40
CA ASP D 78 -11.07 -43.46 7.74
CA ASP D 78 -11.13 -43.50 7.65
C ASP D 78 -11.21 -42.27 8.67
C ASP D 78 -11.30 -42.32 8.64
N TYR D 79 -11.64 -41.13 8.14
CA TYR D 79 -11.85 -39.92 8.96
C TYR D 79 -13.35 -39.65 9.14
N VAL D 80 -14.15 -40.05 8.17
CA VAL D 80 -15.59 -39.88 8.27
C VAL D 80 -16.33 -41.11 7.80
N VAL D 81 -17.59 -41.23 8.25
CA VAL D 81 -18.44 -42.26 7.73
C VAL D 81 -19.70 -41.65 7.11
N ARG D 82 -20.15 -42.26 6.02
CA ARG D 82 -21.39 -41.85 5.40
C ARG D 82 -22.47 -42.89 5.63
N THR D 83 -23.64 -42.44 6.07
CA THR D 83 -24.73 -43.33 6.45
C THR D 83 -26.02 -42.87 5.79
N LEU D 92 -28.05 -38.82 2.77
CA LEU D 92 -26.71 -39.06 3.32
C LEU D 92 -26.34 -38.24 4.56
N GLN D 93 -26.02 -38.95 5.64
CA GLN D 93 -25.58 -38.32 6.88
C GLN D 93 -24.09 -38.60 7.09
N ILE D 94 -23.36 -37.53 7.38
CA ILE D 94 -21.92 -37.54 7.52
C ILE D 94 -21.54 -37.38 8.99
N SER D 95 -20.64 -38.24 9.47
CA SER D 95 -20.14 -38.11 10.84
C SER D 95 -18.68 -38.54 10.92
N LEU D 96 -17.95 -38.04 11.92
CA LEU D 96 -16.53 -38.43 12.16
C LEU D 96 -16.39 -39.92 12.57
N THR D 97 -15.32 -40.59 12.12
CA THR D 97 -15.03 -41.96 12.60
C THR D 97 -14.39 -41.72 13.96
N GLU D 98 -14.06 -42.78 14.69
CA GLU D 98 -13.28 -42.62 15.91
C GLU D 98 -11.91 -42.00 15.60
N GLN D 99 -11.33 -42.35 14.46
CA GLN D 99 -10.02 -41.81 14.11
C GLN D 99 -10.08 -40.33 13.78
N GLY D 100 -11.14 -39.92 13.08
CA GLY D 100 -11.39 -38.51 12.82
C GLY D 100 -11.53 -37.68 14.11
N LYS D 101 -12.30 -38.19 15.07
CA LYS D 101 -12.39 -37.52 16.42
C LYS D 101 -11.02 -37.43 17.10
N ALA D 102 -10.21 -38.45 16.94
CA ALA D 102 -8.90 -38.48 17.61
C ALA D 102 -7.98 -37.43 17.03
N ILE D 103 -8.16 -36.99 15.80
CA ILE D 103 -7.26 -35.97 15.25
C ILE D 103 -7.78 -34.53 15.33
N LYS D 104 -9.03 -34.38 15.75
CA LYS D 104 -9.62 -33.04 15.87
C LYS D 104 -8.78 -32.04 16.69
N SER D 105 -8.29 -32.50 17.83
N SER D 105 -8.28 -32.48 17.83
CA SER D 105 -7.41 -31.66 18.65
CA SER D 105 -7.40 -31.64 18.64
C SER D 105 -6.15 -31.21 17.92
C SER D 105 -6.13 -31.20 17.91
N PRO D 106 -5.30 -32.16 17.47
CA PRO D 106 -4.08 -31.72 16.76
C PRO D 106 -4.42 -30.90 15.50
N LEU D 107 -5.48 -31.25 14.78
CA LEU D 107 -5.87 -30.44 13.60
C LEU D 107 -6.11 -28.97 13.98
N ALA D 108 -6.89 -28.76 15.04
CA ALA D 108 -7.07 -27.40 15.55
C ALA D 108 -5.73 -26.74 15.87
N GLU D 109 -4.85 -27.50 16.51
CA GLU D 109 -3.61 -26.91 16.99
C GLU D 109 -2.74 -26.50 15.83
N ILE D 110 -2.96 -27.09 14.65
CA ILE D 110 -2.27 -26.59 13.46
C ILE D 110 -2.45 -25.09 13.25
N SER D 111 -3.67 -24.60 13.52
N SER D 111 -3.67 -24.59 13.50
N SER D 111 -3.67 -24.62 13.53
CA SER D 111 -3.96 -23.17 13.40
CA SER D 111 -3.92 -23.16 13.39
CA SER D 111 -4.03 -23.19 13.43
C SER D 111 -3.04 -22.31 14.28
C SER D 111 -2.99 -22.33 14.27
C SER D 111 -3.12 -22.30 14.30
N VAL D 112 -2.82 -22.75 15.51
CA VAL D 112 -1.90 -22.03 16.42
C VAL D 112 -0.46 -22.06 15.85
N LYS D 113 -0.04 -23.24 15.42
CA LYS D 113 1.26 -23.38 14.79
C LYS D 113 1.46 -22.42 13.63
N VAL D 114 0.49 -22.34 12.74
CA VAL D 114 0.59 -21.49 11.57
C VAL D 114 0.69 -20.04 12.05
N PHE D 115 -0.20 -19.68 12.97
CA PHE D 115 -0.21 -18.31 13.52
C PHE D 115 1.14 -17.94 14.11
N ASN D 116 1.73 -18.87 14.86
CA ASN D 116 3.03 -18.57 15.48
C ASN D 116 4.17 -18.45 14.46
N GLU D 117 3.95 -18.95 13.24
CA GLU D 117 4.98 -18.77 12.24
C GLU D 117 5.08 -17.36 11.66
N PHE D 118 3.99 -16.61 11.72
CA PHE D 118 3.93 -15.28 11.12
C PHE D 118 4.23 -14.18 12.15
N ASN D 119 4.76 -13.07 11.68
CA ASN D 119 4.86 -11.89 12.53
C ASN D 119 3.52 -11.19 12.36
N ILE D 120 2.59 -11.41 13.29
CA ILE D 120 1.26 -10.81 13.18
C ILE D 120 0.65 -10.70 14.57
N SER D 121 0.20 -9.51 14.93
CA SER D 121 -0.26 -9.30 16.30
C SER D 121 -1.75 -9.56 16.40
N GLU D 122 -2.28 -9.60 17.62
CA GLU D 122 -3.75 -9.73 17.78
C GLU D 122 -4.51 -8.64 17.05
N ARG D 123 -4.03 -7.42 17.15
CA ARG D 123 -4.73 -6.26 16.56
C ARG D 123 -4.72 -6.39 15.02
N GLU D 124 -3.56 -6.77 14.46
CA GLU D 124 -3.42 -6.92 13.00
C GLU D 124 -4.29 -8.06 12.49
N ALA D 125 -4.33 -9.17 13.21
CA ALA D 125 -5.18 -10.32 12.82
C ALA D 125 -6.64 -9.92 12.88
N SER D 126 -7.03 -9.24 13.95
CA SER D 126 -8.43 -8.80 14.13
CA SER D 126 -8.44 -8.86 14.08
C SER D 126 -8.87 -7.87 12.99
N ASP D 127 -8.01 -6.92 12.61
CA ASP D 127 -8.39 -5.98 11.54
C ASP D 127 -8.64 -6.72 10.22
N ILE D 128 -7.74 -7.61 9.85
CA ILE D 128 -7.90 -8.45 8.66
C ILE D 128 -9.14 -9.34 8.74
N ILE D 129 -9.39 -9.93 9.91
CA ILE D 129 -10.62 -10.72 10.06
C ILE D 129 -11.86 -9.85 9.85
N ASN D 130 -11.85 -8.65 10.44
CA ASN D 130 -13.01 -7.74 10.28
C ASN D 130 -13.19 -7.35 8.79
N ASN D 131 -12.10 -7.06 8.07
CA ASN D 131 -12.19 -6.82 6.61
C ASN D 131 -12.80 -7.97 5.84
N LEU D 132 -12.33 -9.18 6.14
CA LEU D 132 -12.70 -10.33 5.33
C LEU D 132 -14.08 -10.79 5.73
N ARG D 133 -14.41 -10.62 7.01
CA ARG D 133 -15.71 -11.04 7.51
C ARG D 133 -16.77 -10.14 6.85
N ASN D 134 -16.45 -8.84 6.72
CA ASN D 134 -17.35 -7.90 6.06
C ASN D 134 -17.53 -8.32 4.59
N PHE D 135 -16.40 -8.66 3.93
CA PHE D 135 -16.43 -8.98 2.50
C PHE D 135 -17.31 -10.22 2.30
N VAL D 136 -17.01 -11.29 3.03
CA VAL D 136 -17.80 -12.52 2.99
C VAL D 136 -19.30 -12.31 3.27
N SER D 137 -19.61 -11.57 4.35
CA SER D 137 -20.99 -11.26 4.70
CA SER D 137 -21.00 -11.33 4.67
C SER D 137 -21.74 -10.56 3.58
N LYS D 138 -21.05 -9.67 2.86
CA LYS D 138 -21.75 -8.92 1.83
C LYS D 138 -21.82 -9.71 0.51
N ASN D 139 -21.13 -10.85 0.43
CA ASN D 139 -21.02 -11.55 -0.87
C ASN D 139 -21.44 -13.01 -1.01
N PHE D 140 -21.28 -13.81 0.03
CA PHE D 140 -21.54 -15.22 -0.13
C PHE D 140 -22.61 -15.68 0.82
S1 BT6 E . 6.65 24.94 -8.24
C1 BT6 E . 6.84 25.62 -9.83
C6 BT6 E . 7.61 24.98 -10.79
C5 BT6 E . 7.76 25.56 -12.06
C4 BT6 E . 7.15 26.78 -12.35
C3 BT6 E . 6.37 27.42 -11.37
C2 BT6 E . 6.23 26.84 -10.11
C ACT F . 18.53 27.94 -1.83
O ACT F . 17.76 27.61 -0.91
OXT ACT F . 18.45 27.18 -2.76
CH3 ACT F . 19.43 29.12 -1.81
C1 GOL G . 12.72 15.63 -20.52
O1 GOL G . 12.35 15.02 -19.30
C2 GOL G . 12.52 17.15 -20.56
O2 GOL G . 13.22 17.76 -19.52
C3 GOL G . 11.04 17.56 -20.50
O3 GOL G . 10.74 18.31 -21.66
C ACT H . 11.29 15.17 17.72
O ACT H . 11.08 14.25 18.51
OXT ACT H . 10.32 15.36 16.98
CH3 ACT H . 12.59 15.92 17.66
C1 GOL I . 13.87 1.79 4.44
O1 GOL I . 13.67 1.24 3.17
C2 GOL I . 14.58 3.14 4.30
O2 GOL I . 14.38 3.90 5.47
C3 GOL I . 16.07 2.86 4.19
O3 GOL I . 16.74 4.10 4.06
C1 GOL J . 2.49 14.48 -17.02
O1 GOL J . 1.17 14.21 -17.43
C2 GOL J . 2.43 14.37 -15.51
O2 GOL J . 1.09 14.70 -15.23
C3 GOL J . 3.33 15.39 -14.83
O3 GOL J . 4.64 15.33 -15.35
S1 BT6 K . -9.46 -22.93 8.08
C1 BT6 K . -9.93 -23.47 9.66
C6 BT6 K . -8.98 -23.82 10.64
C5 BT6 K . -9.42 -24.26 11.89
C4 BT6 K . -10.79 -24.34 12.17
C3 BT6 K . -11.72 -23.98 11.21
C2 BT6 K . -11.29 -23.54 9.96
C ACT L . -1.91 -21.63 -18.17
O ACT L . -2.63 -22.50 -17.65
OXT ACT L . -2.18 -20.48 -17.79
CH3 ACT L . -0.84 -21.92 -19.16
C1 GOL M . 12.50 -21.92 -6.06
O1 GOL M . 11.49 -22.86 -5.84
C2 GOL M . 11.96 -20.54 -6.47
O2 GOL M . 10.67 -20.49 -7.04
C3 GOL M . 12.12 -19.55 -5.34
O3 GOL M . 13.11 -18.65 -5.78
S1 BT6 N . -9.23 -9.58 -6.79
C1 BT6 N . -10.17 -9.17 -5.37
C6 BT6 N . -9.62 -9.33 -4.09
C5 BT6 N . -10.34 -9.04 -2.94
C4 BT6 N . -11.65 -8.59 -3.06
C3 BT6 N . -12.21 -8.45 -4.33
C2 BT6 N . -11.48 -8.73 -5.50
C ACT O . -8.61 -34.55 1.47
O ACT O . -7.60 -34.48 2.15
OXT ACT O . -8.93 -33.48 0.95
CH3 ACT O . -9.34 -35.84 1.27
C1 GOL P . 1.45 -24.83 19.44
O1 GOL P . 2.68 -25.27 18.92
C2 GOL P . 0.42 -25.96 19.52
O2 GOL P . 0.94 -27.19 19.15
C3 GOL P . -0.13 -26.13 20.93
O3 GOL P . -1.26 -25.31 20.99
#